data_5TMQ
#
_entry.id   5TMQ
#
_cell.length_a   54.630
_cell.length_b   82.010
_cell.length_c   58.090
_cell.angle_alpha   90.000
_cell.angle_beta   110.980
_cell.angle_gamma   90.000
#
_symmetry.space_group_name_H-M   'P 1 21 1'
#
loop_
_entity.id
_entity.type
_entity.pdbx_description
1 polymer 'Estrogen receptor'
2 polymer 'Nuclear receptor coactivator 2'
3 non-polymer "4-bromophenyl 4,4''-dihydroxy-[1,1':2',1''-terphenyl]-4'-sulfonate"
4 water water
#
loop_
_entity_poly.entity_id
_entity_poly.type
_entity_poly.pdbx_seq_one_letter_code
_entity_poly.pdbx_strand_id
1 'polypeptide(L)'
;IKRSKKNSLALSLTADQMVSALLDAEPPILYSEYDPTRPFSEASMMGLLTNLADRELVHMINWAKRVPGFVDLTLHDQVH
LLECAWLEILMIGLVWRSMEHPGKLLFAPNLLLDRNQGKCVEGMVEIFDMLLATSSRFRMMNLQGEEFVCLKSIILLNSG
VYTFLSSTLKSLEEKDHIHRVLDKITDTLIHLMAKAGLTLQQQHQRLAQLLLILSHIRHMSNKGMEHLYSMKCKNVVPLS
DLLLEMLDAHRLHAPTS
;
A,B
2 'polypeptide(L)' KHKILHRLLQDSS C,D
#
loop_
_chem_comp.id
_chem_comp.type
_chem_comp.name
_chem_comp.formula
7M7 non-polymer '4-bromophenyl 4,4''-dihydroxy-[1,1':2',1''-terphenyl]-4'-sulfonate' 'C24 H17 Br O5 S'
#
# COMPACT_ATOMS: atom_id res chain seq x y z
N SER A 8 -21.25 -17.41 -11.13
CA SER A 8 -19.92 -17.76 -10.65
C SER A 8 -19.97 -19.00 -9.75
N LEU A 9 -18.79 -19.56 -9.46
CA LEU A 9 -18.69 -20.72 -8.60
C LEU A 9 -17.85 -20.48 -7.35
N ALA A 10 -17.18 -19.34 -7.24
CA ALA A 10 -16.37 -19.06 -6.07
C ALA A 10 -17.22 -18.63 -4.87
N LEU A 11 -18.32 -17.91 -5.13
CA LEU A 11 -19.16 -17.44 -4.04
C LEU A 11 -19.93 -18.57 -3.37
N SER A 12 -20.11 -19.70 -4.06
CA SER A 12 -20.83 -20.84 -3.50
C SER A 12 -19.94 -21.75 -2.67
N LEU A 13 -18.66 -21.43 -2.53
CA LEU A 13 -17.74 -22.24 -1.76
C LEU A 13 -17.78 -21.85 -0.29
N THR A 14 -17.63 -22.85 0.58
CA THR A 14 -17.53 -22.60 2.00
C THR A 14 -16.13 -22.11 2.35
N ALA A 15 -15.97 -21.66 3.59
CA ALA A 15 -14.68 -21.12 4.02
C ALA A 15 -13.61 -22.20 4.03
N ASP A 16 -13.97 -23.43 4.42
CA ASP A 16 -13.00 -24.53 4.39
C ASP A 16 -12.69 -24.94 2.96
N GLN A 17 -13.69 -24.92 2.09
CA GLN A 17 -13.44 -25.24 0.68
C GLN A 17 -12.62 -24.16 0.00
N MET A 18 -12.71 -22.91 0.48
CA MET A 18 -11.87 -21.85 -0.05
C MET A 18 -10.41 -22.06 0.34
N VAL A 19 -10.17 -22.40 1.61
CA VAL A 19 -8.81 -22.65 2.07
C VAL A 19 -8.19 -23.82 1.32
N SER A 20 -8.96 -24.90 1.15
CA SER A 20 -8.42 -26.09 0.49
C SER A 20 -8.08 -25.81 -0.97
N ALA A 21 -8.89 -25.01 -1.66
CA ALA A 21 -8.62 -24.70 -3.06
C ALA A 21 -7.37 -23.83 -3.20
N LEU A 22 -7.17 -22.90 -2.27
CA LEU A 22 -6.01 -22.03 -2.34
C LEU A 22 -4.73 -22.78 -1.98
N LEU A 23 -4.81 -23.69 -1.01
CA LEU A 23 -3.63 -24.45 -0.61
C LEU A 23 -3.16 -25.38 -1.73
N ASP A 24 -4.10 -26.04 -2.41
CA ASP A 24 -3.74 -26.95 -3.48
C ASP A 24 -3.31 -26.23 -4.75
N ALA A 25 -3.66 -24.95 -4.89
CA ALA A 25 -3.23 -24.16 -6.03
C ALA A 25 -1.87 -23.51 -5.83
N GLU A 26 -1.23 -23.76 -4.69
CA GLU A 26 0.03 -23.11 -4.38
C GLU A 26 1.08 -23.44 -5.43
N PRO A 27 1.80 -22.45 -5.97
CA PRO A 27 2.90 -22.75 -6.87
C PRO A 27 4.06 -23.37 -6.11
N PRO A 28 4.94 -24.10 -6.79
CA PRO A 28 6.07 -24.73 -6.11
C PRO A 28 7.18 -23.72 -5.81
N ILE A 29 8.13 -24.17 -5.02
CA ILE A 29 9.31 -23.37 -4.69
C ILE A 29 10.41 -23.77 -5.67
N LEU A 30 10.80 -22.84 -6.54
CA LEU A 30 11.79 -23.11 -7.56
C LEU A 30 13.20 -22.88 -7.03
N TYR A 31 14.17 -23.48 -7.70
CA TYR A 31 15.57 -23.36 -7.34
C TYR A 31 16.28 -22.36 -8.25
N SER A 32 17.26 -21.67 -7.68
CA SER A 32 18.14 -20.83 -8.48
C SER A 32 19.13 -21.70 -9.25
N GLU A 33 19.81 -21.08 -10.21
CA GLU A 33 20.86 -21.77 -10.93
C GLU A 33 22.00 -22.11 -9.98
N TYR A 34 22.56 -23.32 -10.15
CA TYR A 34 23.43 -23.92 -9.15
C TYR A 34 24.91 -23.55 -9.30
N ASP A 35 25.22 -22.29 -9.59
CA ASP A 35 26.63 -21.89 -9.64
C ASP A 35 27.16 -21.78 -8.20
N PRO A 36 28.32 -22.37 -7.90
CA PRO A 36 28.79 -22.37 -6.51
C PRO A 36 29.37 -21.04 -6.03
N THR A 37 29.61 -20.09 -6.95
CA THR A 37 30.20 -18.80 -6.58
C THR A 37 29.17 -18.01 -5.76
N ARG A 38 29.16 -18.27 -4.46
CA ARG A 38 28.26 -17.56 -3.55
C ARG A 38 28.66 -16.11 -3.32
N PRO A 39 29.93 -15.69 -3.56
CA PRO A 39 30.18 -14.24 -3.66
C PRO A 39 29.67 -13.69 -4.98
N PHE A 40 28.64 -12.85 -4.94
CA PHE A 40 27.98 -12.35 -6.13
C PHE A 40 28.41 -10.91 -6.42
N SER A 41 28.26 -10.54 -7.69
CA SER A 41 28.45 -9.17 -8.15
C SER A 41 27.09 -8.57 -8.50
N GLU A 42 27.10 -7.40 -9.15
CA GLU A 42 25.85 -6.76 -9.54
C GLU A 42 25.16 -7.53 -10.66
N ALA A 43 25.90 -7.81 -11.74
CA ALA A 43 25.31 -8.55 -12.86
C ALA A 43 25.07 -10.01 -12.51
N SER A 44 25.86 -10.57 -11.59
CA SER A 44 25.70 -11.97 -11.21
C SER A 44 24.39 -12.18 -10.45
N MET A 45 24.15 -11.37 -9.42
CA MET A 45 22.94 -11.55 -8.61
C MET A 45 21.68 -11.19 -9.39
N MET A 46 21.72 -10.10 -10.15
CA MET A 46 20.56 -9.72 -10.95
C MET A 46 20.24 -10.77 -12.01
N GLY A 47 21.26 -11.43 -12.56
CA GLY A 47 20.99 -12.52 -13.48
C GLY A 47 20.29 -13.69 -12.81
N LEU A 48 20.69 -14.02 -11.59
CA LEU A 48 20.06 -15.12 -10.86
C LEU A 48 18.62 -14.76 -10.48
N LEU A 49 18.36 -13.50 -10.16
CA LEU A 49 17.04 -13.09 -9.70
C LEU A 49 16.05 -12.99 -10.87
N THR A 50 16.47 -12.37 -11.98
CA THR A 50 15.57 -12.26 -13.12
C THR A 50 15.26 -13.63 -13.71
N ASN A 51 16.26 -14.51 -13.77
CA ASN A 51 16.02 -15.87 -14.23
C ASN A 51 15.03 -16.59 -13.32
N LEU A 52 15.21 -16.44 -12.00
CA LEU A 52 14.30 -17.07 -11.05
C LEU A 52 12.89 -16.48 -11.17
N ALA A 53 12.80 -15.15 -11.19
CA ALA A 53 11.49 -14.50 -11.24
C ALA A 53 10.77 -14.81 -12.55
N ASP A 54 11.52 -14.92 -13.65
CA ASP A 54 10.90 -15.25 -14.93
C ASP A 54 10.24 -16.61 -14.88
N ARG A 55 10.89 -17.60 -14.26
CA ARG A 55 10.31 -18.92 -14.15
C ARG A 55 9.16 -18.93 -13.13
N GLU A 56 9.27 -18.14 -12.07
CA GLU A 56 8.18 -18.06 -11.10
C GLU A 56 6.93 -17.43 -11.73
N LEU A 57 7.12 -16.48 -12.65
CA LEU A 57 5.98 -15.84 -13.29
C LEU A 57 5.10 -16.85 -14.01
N VAL A 58 5.71 -17.87 -14.63
CA VAL A 58 4.94 -18.86 -15.36
C VAL A 58 4.06 -19.67 -14.41
N HIS A 59 4.59 -20.01 -13.22
CA HIS A 59 3.77 -20.72 -12.25
C HIS A 59 2.72 -19.81 -11.62
N MET A 60 3.04 -18.52 -11.46
CA MET A 60 2.06 -17.59 -10.90
C MET A 60 0.85 -17.46 -11.82
N ILE A 61 1.09 -17.34 -13.13
CA ILE A 61 0.01 -17.21 -14.10
C ILE A 61 -0.93 -18.41 -14.04
N ASN A 62 -0.38 -19.61 -13.81
CA ASN A 62 -1.22 -20.79 -13.67
C ASN A 62 -1.80 -20.91 -12.27
N TRP A 63 -1.10 -20.40 -11.26
CA TRP A 63 -1.71 -20.30 -9.93
C TRP A 63 -2.90 -19.36 -9.95
N ALA A 64 -2.80 -18.27 -10.72
CA ALA A 64 -3.88 -17.29 -10.78
C ALA A 64 -5.14 -17.89 -11.37
N LYS A 65 -4.99 -18.78 -12.35
CA LYS A 65 -6.16 -19.45 -12.93
C LYS A 65 -6.92 -20.25 -11.88
N ARG A 66 -6.20 -20.85 -10.92
CA ARG A 66 -6.81 -21.68 -9.91
C ARG A 66 -7.27 -20.89 -8.69
N VAL A 67 -7.23 -19.56 -8.75
CA VAL A 67 -7.77 -18.72 -7.68
C VAL A 67 -9.28 -18.63 -7.87
N PRO A 68 -10.08 -19.05 -6.88
CA PRO A 68 -11.53 -19.09 -7.07
C PRO A 68 -12.10 -17.73 -7.44
N GLY A 69 -12.73 -17.67 -8.62
CA GLY A 69 -13.31 -16.46 -9.13
C GLY A 69 -12.47 -15.75 -10.18
N PHE A 70 -11.22 -16.19 -10.40
CA PHE A 70 -10.36 -15.51 -11.34
C PHE A 70 -10.66 -15.89 -12.78
N VAL A 71 -11.03 -17.15 -13.02
CA VAL A 71 -11.40 -17.56 -14.37
C VAL A 71 -12.69 -16.90 -14.82
N ASP A 72 -13.50 -16.39 -13.89
CA ASP A 72 -14.75 -15.72 -14.26
C ASP A 72 -14.49 -14.41 -14.98
N LEU A 73 -13.39 -13.73 -14.65
CA LEU A 73 -13.08 -12.46 -15.30
C LEU A 73 -12.71 -12.68 -16.75
N THR A 74 -12.91 -11.64 -17.55
CA THR A 74 -12.50 -11.69 -18.95
C THR A 74 -10.97 -11.72 -19.05
N LEU A 75 -10.48 -12.09 -20.24
CA LEU A 75 -9.04 -12.21 -20.44
C LEU A 75 -8.34 -10.88 -20.22
N HIS A 76 -8.99 -9.77 -20.62
CA HIS A 76 -8.39 -8.45 -20.42
C HIS A 76 -8.25 -8.12 -18.95
N ASP A 77 -9.28 -8.42 -18.14
CA ASP A 77 -9.21 -8.16 -16.72
C ASP A 77 -8.17 -9.04 -16.04
N GLN A 78 -8.05 -10.30 -16.49
CA GLN A 78 -7.02 -11.17 -15.94
C GLN A 78 -5.62 -10.63 -16.23
N VAL A 79 -5.42 -10.07 -17.42
CA VAL A 79 -4.13 -9.48 -17.76
C VAL A 79 -3.84 -8.28 -16.87
N HIS A 80 -4.84 -7.39 -16.70
CA HIS A 80 -4.63 -6.17 -15.94
C HIS A 80 -4.27 -6.49 -14.49
N LEU A 81 -4.97 -7.44 -13.88
CA LEU A 81 -4.69 -7.79 -12.48
C LEU A 81 -3.29 -8.37 -12.33
N LEU A 82 -2.89 -9.25 -13.25
CA LEU A 82 -1.57 -9.86 -13.17
C LEU A 82 -0.47 -8.83 -13.37
N GLU A 83 -0.62 -7.96 -14.35
CA GLU A 83 0.39 -6.94 -14.66
C GLU A 83 0.63 -6.01 -13.48
N CYS A 84 -0.44 -5.69 -12.75
N CYS A 84 -0.44 -5.67 -12.77
CA CYS A 84 -0.34 -4.70 -11.69
CA CYS A 84 -0.36 -4.70 -11.68
C CYS A 84 0.15 -5.34 -10.39
C CYS A 84 0.13 -5.33 -10.37
N ALA A 85 -0.11 -6.63 -10.22
CA ALA A 85 0.17 -7.31 -8.95
C ALA A 85 1.37 -8.27 -8.92
N TRP A 86 1.98 -8.55 -10.08
CA TRP A 86 2.90 -9.68 -10.17
C TRP A 86 4.09 -9.53 -9.22
N LEU A 87 4.62 -8.31 -9.07
CA LEU A 87 5.77 -8.14 -8.19
C LEU A 87 5.35 -8.20 -6.72
N GLU A 88 4.17 -7.67 -6.39
CA GLU A 88 3.63 -7.86 -5.05
C GLU A 88 3.52 -9.34 -4.72
N ILE A 89 3.01 -10.14 -5.66
CA ILE A 89 2.83 -11.57 -5.41
C ILE A 89 4.16 -12.27 -5.24
N LEU A 90 5.15 -11.91 -6.06
CA LEU A 90 6.49 -12.46 -5.89
C LEU A 90 7.07 -12.09 -4.53
N MET A 91 6.86 -10.84 -4.10
CA MET A 91 7.50 -10.38 -2.87
C MET A 91 6.86 -11.00 -1.63
N ILE A 92 5.54 -11.13 -1.61
CA ILE A 92 4.90 -11.74 -0.45
C ILE A 92 5.25 -13.23 -0.38
N GLY A 93 5.43 -13.89 -1.54
CA GLY A 93 5.90 -15.26 -1.52
C GLY A 93 7.31 -15.38 -1.00
N LEU A 94 8.19 -14.45 -1.41
CA LEU A 94 9.54 -14.43 -0.88
C LEU A 94 9.54 -14.18 0.62
N VAL A 95 8.70 -13.24 1.08
CA VAL A 95 8.63 -12.94 2.52
C VAL A 95 8.09 -14.13 3.29
N TRP A 96 7.12 -14.85 2.72
CA TRP A 96 6.53 -15.99 3.42
C TRP A 96 7.54 -17.10 3.64
N ARG A 97 8.29 -17.46 2.59
CA ARG A 97 9.26 -18.55 2.72
C ARG A 97 10.55 -18.12 3.38
N SER A 98 10.72 -16.84 3.69
CA SER A 98 11.87 -16.36 4.44
C SER A 98 11.59 -16.25 5.93
N MET A 99 10.42 -16.70 6.39
CA MET A 99 10.04 -16.56 7.79
C MET A 99 10.98 -17.34 8.70
N GLU A 100 11.12 -18.64 8.45
CA GLU A 100 11.96 -19.48 9.31
C GLU A 100 13.45 -19.24 9.10
N HIS A 101 13.85 -18.18 8.40
CA HIS A 101 15.25 -17.80 8.24
C HIS A 101 15.39 -16.33 8.61
N PRO A 102 15.39 -16.02 9.91
CA PRO A 102 15.46 -14.61 10.34
C PRO A 102 16.75 -13.95 9.87
N GLY A 103 16.63 -12.69 9.47
CA GLY A 103 17.76 -11.93 8.97
C GLY A 103 18.22 -12.30 7.58
N LYS A 104 17.51 -13.18 6.89
CA LYS A 104 17.89 -13.62 5.56
C LYS A 104 16.66 -13.73 4.67
N LEU A 105 16.89 -13.62 3.36
CA LEU A 105 15.82 -13.74 2.37
C LEU A 105 16.07 -15.00 1.54
N LEU A 106 15.09 -15.91 1.56
CA LEU A 106 15.20 -17.17 0.83
C LEU A 106 14.55 -17.00 -0.53
N PHE A 107 15.33 -16.51 -1.49
CA PHE A 107 14.85 -16.45 -2.87
C PHE A 107 14.64 -17.85 -3.42
N ALA A 108 15.52 -18.78 -3.07
CA ALA A 108 15.41 -20.18 -3.42
C ALA A 108 16.08 -20.99 -2.33
N PRO A 109 15.76 -22.28 -2.21
CA PRO A 109 16.45 -23.10 -1.20
C PRO A 109 17.96 -23.08 -1.33
N ASN A 110 18.48 -22.89 -2.55
CA ASN A 110 19.91 -22.80 -2.77
C ASN A 110 20.38 -21.36 -2.99
N LEU A 111 19.51 -20.36 -2.74
CA LEU A 111 19.85 -18.95 -2.88
C LEU A 111 19.29 -18.21 -1.67
N LEU A 112 20.03 -18.29 -0.56
CA LEU A 112 19.67 -17.61 0.68
C LEU A 112 20.65 -16.47 0.90
N LEU A 113 20.12 -15.24 0.94
CA LEU A 113 20.95 -14.04 0.98
C LEU A 113 20.65 -13.24 2.25
N ASP A 114 21.69 -12.56 2.76
CA ASP A 114 21.56 -11.62 3.85
C ASP A 114 21.72 -10.20 3.33
N ARG A 115 21.58 -9.22 4.22
CA ARG A 115 21.59 -7.83 3.80
C ARG A 115 22.97 -7.36 3.35
N ASN A 116 24.03 -8.04 3.78
CA ASN A 116 25.36 -7.73 3.26
C ASN A 116 25.44 -8.01 1.76
N GLN A 117 24.86 -9.12 1.33
CA GLN A 117 24.79 -9.44 -0.08
C GLN A 117 23.80 -8.56 -0.83
N GLY A 118 22.93 -7.84 -0.12
CA GLY A 118 22.07 -6.87 -0.76
C GLY A 118 22.81 -5.64 -1.27
N LYS A 119 24.03 -5.41 -0.79
CA LYS A 119 24.86 -4.31 -1.28
C LYS A 119 25.45 -4.57 -2.66
N CYS A 120 25.38 -5.80 -3.16
CA CYS A 120 25.97 -6.12 -4.45
C CYS A 120 25.29 -5.33 -5.57
N VAL A 121 23.98 -5.16 -5.48
CA VAL A 121 23.21 -4.42 -6.47
C VAL A 121 22.99 -3.00 -5.94
N GLU A 122 23.19 -2.01 -6.80
CA GLU A 122 23.04 -0.62 -6.40
C GLU A 122 21.58 -0.31 -6.10
N GLY A 123 21.34 0.31 -4.94
CA GLY A 123 19.99 0.64 -4.53
C GLY A 123 19.16 -0.52 -4.07
N MET A 124 19.77 -1.68 -3.82
CA MET A 124 19.04 -2.89 -3.44
C MET A 124 18.95 -3.07 -1.93
N VAL A 125 19.70 -2.31 -1.15
CA VAL A 125 19.68 -2.50 0.30
C VAL A 125 18.41 -1.95 0.91
N GLU A 126 17.86 -0.86 0.35
CA GLU A 126 16.68 -0.23 0.93
C GLU A 126 15.48 -1.17 0.88
N ILE A 127 15.27 -1.84 -0.26
CA ILE A 127 14.14 -2.74 -0.38
C ILE A 127 14.45 -4.09 0.26
N PHE A 128 15.73 -4.45 0.36
CA PHE A 128 16.11 -5.66 1.08
C PHE A 128 15.69 -5.56 2.55
N ASP A 129 15.97 -4.42 3.18
CA ASP A 129 15.61 -4.24 4.58
C ASP A 129 14.09 -4.23 4.75
N MET A 130 13.37 -3.63 3.81
CA MET A 130 11.91 -3.64 3.88
C MET A 130 11.37 -5.07 3.79
N LEU A 131 11.98 -5.89 2.93
CA LEU A 131 11.56 -7.29 2.82
C LEU A 131 11.86 -8.05 4.11
N LEU A 132 13.03 -7.82 4.71
CA LEU A 132 13.36 -8.48 5.97
C LEU A 132 12.41 -8.06 7.08
N ALA A 133 12.03 -6.78 7.13
CA ALA A 133 11.11 -6.33 8.15
C ALA A 133 9.73 -6.96 8.00
N THR A 134 9.26 -7.12 6.75
CA THR A 134 7.97 -7.76 6.53
C THR A 134 7.99 -9.21 6.99
N SER A 135 9.10 -9.92 6.72
CA SER A 135 9.22 -11.31 7.18
C SER A 135 9.24 -11.38 8.70
N SER A 136 9.98 -10.47 9.34
CA SER A 136 9.97 -10.41 10.80
C SER A 136 8.58 -10.09 11.33
N ARG A 137 7.83 -9.26 10.61
CA ARG A 137 6.46 -8.96 11.01
C ARG A 137 5.58 -10.19 10.92
N PHE A 138 5.74 -10.98 9.84
CA PHE A 138 4.99 -12.23 9.71
C PHE A 138 5.35 -13.19 10.83
N ARG A 139 6.63 -13.25 11.19
CA ARG A 139 7.07 -14.17 12.23
C ARG A 139 6.49 -13.77 13.59
N MET A 140 6.48 -12.46 13.89
CA MET A 140 5.94 -12.01 15.16
C MET A 140 4.45 -12.30 15.28
N MET A 141 3.72 -12.19 14.16
CA MET A 141 2.29 -12.47 14.16
C MET A 141 1.98 -13.96 14.10
N ASN A 142 2.99 -14.81 13.92
CA ASN A 142 2.80 -16.25 13.76
C ASN A 142 1.84 -16.52 12.59
N LEU A 143 2.16 -15.93 11.43
CA LEU A 143 1.29 -16.05 10.26
C LEU A 143 1.18 -17.50 9.82
N GLN A 144 -0.05 -17.92 9.55
CA GLN A 144 -0.34 -19.28 9.11
C GLN A 144 -0.41 -19.33 7.59
N GLY A 145 -0.06 -20.49 7.04
CA GLY A 145 -0.12 -20.66 5.60
C GLY A 145 -1.53 -20.51 5.04
N GLU A 146 -2.54 -20.92 5.81
CA GLU A 146 -3.92 -20.68 5.40
C GLU A 146 -4.22 -19.20 5.30
N GLU A 147 -3.63 -18.39 6.19
CA GLU A 147 -3.78 -16.95 6.09
C GLU A 147 -2.97 -16.39 4.95
N PHE A 148 -1.78 -16.96 4.70
CA PHE A 148 -0.90 -16.46 3.65
C PHE A 148 -1.55 -16.57 2.28
N VAL A 149 -2.15 -17.71 1.98
CA VAL A 149 -2.76 -17.89 0.67
C VAL A 149 -3.96 -16.96 0.49
N CYS A 150 -4.64 -16.62 1.59
CA CYS A 150 -5.73 -15.65 1.50
C CYS A 150 -5.18 -14.26 1.19
N LEU A 151 -4.09 -13.86 1.85
CA LEU A 151 -3.51 -12.56 1.57
C LEU A 151 -3.00 -12.47 0.14
N LYS A 152 -2.42 -13.55 -0.38
CA LYS A 152 -1.89 -13.53 -1.73
C LYS A 152 -3.01 -13.41 -2.76
N SER A 153 -4.11 -14.14 -2.56
CA SER A 153 -5.25 -14.01 -3.47
C SER A 153 -5.86 -12.62 -3.40
N ILE A 154 -5.86 -12.01 -2.21
CA ILE A 154 -6.38 -10.66 -2.06
C ILE A 154 -5.56 -9.67 -2.88
N ILE A 155 -4.22 -9.79 -2.81
CA ILE A 155 -3.36 -8.93 -3.62
C ILE A 155 -3.71 -9.07 -5.09
N LEU A 156 -3.90 -10.31 -5.55
CA LEU A 156 -4.21 -10.55 -6.95
C LEU A 156 -5.46 -9.81 -7.39
N LEU A 157 -6.52 -9.89 -6.58
CA LEU A 157 -7.81 -9.34 -6.98
C LEU A 157 -7.94 -7.86 -6.67
N ASN A 158 -7.23 -7.36 -5.65
CA ASN A 158 -7.45 -6.00 -5.19
C ASN A 158 -6.52 -4.97 -5.84
N SER A 159 -5.25 -5.32 -6.05
CA SER A 159 -4.26 -4.31 -6.42
C SER A 159 -4.62 -3.57 -7.70
N GLY A 160 -5.30 -4.22 -8.63
CA GLY A 160 -5.69 -3.59 -9.87
C GLY A 160 -7.16 -3.33 -10.05
N VAL A 161 -7.98 -3.46 -9.00
CA VAL A 161 -9.43 -3.38 -9.16
C VAL A 161 -9.92 -1.94 -9.33
N TYR A 162 -9.16 -0.94 -8.87
CA TYR A 162 -9.56 0.45 -8.99
C TYR A 162 -8.91 1.16 -10.16
N THR A 163 -8.35 0.40 -11.11
CA THR A 163 -7.74 0.96 -12.32
C THR A 163 -8.41 0.39 -13.57
N PHE A 164 -9.70 0.13 -13.51
CA PHE A 164 -10.46 -0.31 -14.69
C PHE A 164 -11.15 0.88 -15.35
N LYS A 175 -15.98 -5.03 -11.68
CA LYS A 175 -15.44 -4.75 -10.36
C LYS A 175 -16.40 -5.23 -9.27
N ASP A 176 -17.67 -5.39 -9.63
CA ASP A 176 -18.67 -5.82 -8.65
C ASP A 176 -18.44 -7.28 -8.25
N HIS A 177 -18.08 -8.13 -9.22
CA HIS A 177 -17.82 -9.53 -8.91
C HIS A 177 -16.55 -9.70 -8.09
N ILE A 178 -15.52 -8.90 -8.39
CA ILE A 178 -14.25 -9.02 -7.68
C ILE A 178 -14.41 -8.64 -6.21
N HIS A 179 -15.19 -7.59 -5.93
CA HIS A 179 -15.45 -7.23 -4.54
C HIS A 179 -16.24 -8.30 -3.81
N ARG A 180 -17.09 -9.03 -4.54
CA ARG A 180 -17.81 -10.15 -3.93
C ARG A 180 -16.84 -11.25 -3.52
N VAL A 181 -15.82 -11.51 -4.34
CA VAL A 181 -14.81 -12.51 -3.98
C VAL A 181 -13.94 -12.00 -2.83
N LEU A 182 -13.60 -10.70 -2.86
CA LEU A 182 -12.79 -10.13 -1.79
C LEU A 182 -13.50 -10.23 -0.45
N ASP A 183 -14.82 -10.04 -0.43
CA ASP A 183 -15.59 -10.24 0.79
C ASP A 183 -15.56 -11.70 1.24
N LYS A 184 -15.63 -12.63 0.27
CA LYS A 184 -15.59 -14.04 0.62
C LYS A 184 -14.26 -14.44 1.23
N ILE A 185 -13.15 -13.90 0.70
CA ILE A 185 -11.85 -14.16 1.31
C ILE A 185 -11.78 -13.54 2.70
N THR A 186 -12.42 -12.38 2.88
CA THR A 186 -12.50 -11.78 4.21
C THR A 186 -13.26 -12.69 5.17
N ASP A 187 -14.39 -13.25 4.72
CA ASP A 187 -15.11 -14.22 5.53
C ASP A 187 -14.25 -15.44 5.84
N THR A 188 -13.37 -15.81 4.90
CA THR A 188 -12.51 -16.98 5.10
C THR A 188 -11.44 -16.70 6.15
N LEU A 189 -10.82 -15.52 6.10
CA LEU A 189 -9.80 -15.17 7.09
C LEU A 189 -10.38 -15.18 8.50
N ILE A 190 -11.54 -14.55 8.69
CA ILE A 190 -12.19 -14.56 10.00
C ILE A 190 -12.50 -15.98 10.44
N HIS A 191 -12.93 -16.83 9.49
CA HIS A 191 -13.20 -18.23 9.81
C HIS A 191 -11.96 -18.94 10.31
N LEU A 192 -10.79 -18.61 9.74
CA LEU A 192 -9.55 -19.21 10.21
C LEU A 192 -9.20 -18.72 11.61
N MET A 193 -9.41 -17.44 11.88
CA MET A 193 -9.10 -16.89 13.20
C MET A 193 -10.09 -17.36 14.25
N ALA A 194 -11.36 -17.52 13.87
CA ALA A 194 -12.34 -18.07 14.80
C ALA A 194 -12.07 -19.54 15.07
N LYS A 195 -11.59 -20.28 14.06
CA LYS A 195 -11.24 -21.68 14.27
C LYS A 195 -10.05 -21.83 15.20
N ALA A 196 -9.15 -20.85 15.21
CA ALA A 196 -7.97 -20.88 16.08
C ALA A 196 -8.28 -20.46 17.51
N GLY A 197 -9.54 -20.15 17.83
CA GLY A 197 -9.92 -19.79 19.17
C GLY A 197 -9.77 -18.33 19.53
N LEU A 198 -9.50 -17.47 18.55
CA LEU A 198 -9.37 -16.04 18.85
C LEU A 198 -10.74 -15.43 19.14
N THR A 199 -10.75 -14.49 20.08
CA THR A 199 -11.99 -13.79 20.42
C THR A 199 -12.38 -12.84 19.29
N LEU A 200 -13.59 -12.28 19.40
CA LEU A 200 -14.09 -11.35 18.41
C LEU A 200 -13.16 -10.15 18.27
N GLN A 201 -12.76 -9.57 19.40
CA GLN A 201 -11.85 -8.43 19.34
C GLN A 201 -10.51 -8.82 18.74
N GLN A 202 -10.01 -10.01 19.08
CA GLN A 202 -8.79 -10.50 18.46
C GLN A 202 -8.97 -10.82 16.98
N GLN A 203 -10.20 -11.10 16.55
CA GLN A 203 -10.44 -11.42 15.15
C GLN A 203 -10.35 -10.17 14.27
N HIS A 204 -11.04 -9.09 14.67
CA HIS A 204 -11.01 -7.85 13.89
CA HIS A 204 -10.98 -7.90 13.83
C HIS A 204 -9.65 -7.17 13.94
N GLN A 205 -8.92 -7.35 15.04
CA GLN A 205 -7.61 -6.70 15.16
C GLN A 205 -6.58 -7.40 14.28
N ARG A 206 -6.58 -8.74 14.29
CA ARG A 206 -5.64 -9.48 13.46
C ARG A 206 -5.93 -9.29 11.99
N LEU A 207 -7.21 -9.19 11.61
CA LEU A 207 -7.57 -8.90 10.23
C LEU A 207 -6.98 -7.57 9.79
N ALA A 208 -7.08 -6.56 10.65
CA ALA A 208 -6.53 -5.25 10.32
C ALA A 208 -5.01 -5.29 10.23
N GLN A 209 -4.36 -6.00 11.16
CA GLN A 209 -2.91 -6.10 11.13
C GLN A 209 -2.41 -6.74 9.85
N LEU A 210 -3.09 -7.79 9.37
CA LEU A 210 -2.67 -8.45 8.15
C LEU A 210 -2.87 -7.55 6.94
N LEU A 211 -4.03 -6.90 6.85
CA LEU A 211 -4.34 -6.11 5.67
C LEU A 211 -3.49 -4.85 5.58
N LEU A 212 -3.04 -4.31 6.72
CA LEU A 212 -2.16 -3.15 6.68
C LEU A 212 -0.80 -3.50 6.10
N ILE A 213 -0.36 -4.75 6.26
CA ILE A 213 0.90 -5.18 5.67
C ILE A 213 0.84 -5.13 4.15
N LEU A 214 -0.34 -5.32 3.57
CA LEU A 214 -0.49 -5.23 2.12
C LEU A 214 -0.15 -3.83 1.62
N SER A 215 -0.40 -2.81 2.44
CA SER A 215 0.03 -1.45 2.08
C SER A 215 1.55 -1.37 1.96
N HIS A 216 2.27 -2.05 2.87
CA HIS A 216 3.73 -2.05 2.80
CA HIS A 216 3.73 -2.04 2.80
C HIS A 216 4.23 -2.89 1.64
N ILE A 217 3.54 -3.98 1.32
CA ILE A 217 3.94 -4.81 0.18
C ILE A 217 3.77 -4.03 -1.12
N ARG A 218 2.66 -3.29 -1.25
CA ARG A 218 2.50 -2.40 -2.39
C ARG A 218 3.64 -1.39 -2.47
N HIS A 219 4.08 -0.87 -1.33
CA HIS A 219 5.18 0.10 -1.32
C HIS A 219 6.47 -0.55 -1.81
N MET A 220 6.77 -1.76 -1.32
CA MET A 220 7.97 -2.44 -1.77
C MET A 220 7.92 -2.76 -3.25
N SER A 221 6.74 -3.07 -3.77
CA SER A 221 6.58 -3.38 -5.19
C SER A 221 6.89 -2.16 -6.05
N ASN A 222 6.31 -1.01 -5.70
CA ASN A 222 6.55 0.20 -6.48
C ASN A 222 8.02 0.60 -6.45
N LYS A 223 8.65 0.52 -5.28
CA LYS A 223 10.08 0.77 -5.20
C LYS A 223 10.87 -0.26 -6.00
N GLY A 224 10.44 -1.52 -5.96
CA GLY A 224 11.11 -2.54 -6.73
C GLY A 224 10.90 -2.39 -8.22
N MET A 225 9.71 -1.93 -8.62
CA MET A 225 9.43 -1.74 -10.05
C MET A 225 10.32 -0.66 -10.63
N GLU A 226 10.46 0.46 -9.92
CA GLU A 226 11.35 1.52 -10.38
C GLU A 226 12.80 1.03 -10.44
N HIS A 227 13.18 0.15 -9.52
CA HIS A 227 14.54 -0.39 -9.53
C HIS A 227 14.79 -1.24 -10.77
N LEU A 228 13.85 -2.14 -11.09
CA LEU A 228 13.99 -2.95 -12.28
C LEU A 228 13.95 -2.09 -13.54
N TYR A 229 13.15 -1.03 -13.54
CA TYR A 229 13.11 -0.12 -14.67
C TYR A 229 14.48 0.55 -14.88
N SER A 230 15.18 0.86 -13.79
CA SER A 230 16.52 1.41 -13.92
C SER A 230 17.52 0.36 -14.38
N MET A 231 17.32 -0.90 -13.99
CA MET A 231 18.18 -1.98 -14.45
C MET A 231 18.05 -2.21 -15.95
N LYS A 232 16.91 -1.85 -16.54
CA LYS A 232 16.69 -2.04 -17.97
C LYS A 232 17.58 -1.11 -18.78
N CYS A 233 17.44 0.19 -18.57
CA CYS A 233 18.22 1.18 -19.31
C CYS A 233 19.63 1.36 -18.76
N LYS A 234 19.98 0.57 -17.74
CA LYS A 234 21.37 0.46 -17.32
C LYS A 234 21.98 -0.74 -18.04
N ASN A 235 21.11 -1.66 -18.45
CA ASN A 235 21.47 -2.82 -19.27
C ASN A 235 22.55 -3.66 -18.58
N VAL A 236 22.41 -3.84 -17.27
CA VAL A 236 23.35 -4.68 -16.53
C VAL A 236 23.13 -6.14 -16.86
N VAL A 237 21.87 -6.55 -16.94
CA VAL A 237 21.53 -7.93 -17.31
C VAL A 237 20.40 -7.88 -18.34
N PRO A 238 20.47 -8.65 -19.42
CA PRO A 238 19.39 -8.67 -20.40
C PRO A 238 18.14 -9.32 -19.80
N LEU A 239 17.03 -8.59 -19.84
CA LEU A 239 15.77 -9.07 -19.29
C LEU A 239 15.00 -9.86 -20.34
N SER A 240 14.19 -10.81 -19.88
CA SER A 240 13.39 -11.61 -20.78
C SER A 240 12.27 -10.77 -21.38
N ASP A 241 11.70 -11.27 -22.48
CA ASP A 241 10.59 -10.57 -23.12
C ASP A 241 9.37 -10.51 -22.20
N LEU A 242 9.10 -11.60 -21.48
CA LEU A 242 7.96 -11.62 -20.58
C LEU A 242 8.15 -10.63 -19.43
N LEU A 243 9.32 -10.66 -18.80
CA LEU A 243 9.60 -9.72 -17.71
C LEU A 243 9.57 -8.27 -18.23
N LEU A 244 10.01 -8.06 -19.47
CA LEU A 244 9.97 -6.72 -20.04
C LEU A 244 8.54 -6.28 -20.30
N GLU A 245 7.64 -7.22 -20.59
CA GLU A 245 6.25 -6.85 -20.82
C GLU A 245 5.51 -6.60 -19.51
N MET A 246 5.82 -7.39 -18.47
CA MET A 246 5.26 -7.11 -17.14
C MET A 246 5.78 -5.78 -16.60
N LEU A 247 7.01 -5.43 -16.96
CA LEU A 247 7.60 -4.17 -16.52
C LEU A 247 7.02 -2.99 -17.30
N ASP A 248 6.75 -3.18 -18.59
CA ASP A 248 6.21 -2.11 -19.41
C ASP A 248 4.86 -1.62 -18.91
N ALA A 249 4.06 -2.51 -18.31
CA ALA A 249 2.73 -2.16 -17.87
C ALA A 249 2.70 -1.17 -16.72
N HIS A 250 3.86 -0.88 -16.10
CA HIS A 250 3.94 0.05 -14.98
C HIS A 250 4.62 1.36 -15.36
N ARG A 251 4.76 1.64 -16.65
CA ARG A 251 5.39 2.88 -17.11
C ARG A 251 4.45 3.67 -18.01
N LYS B 6 4.73 7.57 30.15
CA LYS B 6 4.03 6.86 31.21
C LYS B 6 2.73 6.27 30.69
N ASN B 7 1.65 6.44 31.47
CA ASN B 7 0.34 5.95 31.07
C ASN B 7 -0.14 6.73 29.85
N SER B 8 -0.15 6.06 28.69
CA SER B 8 -0.51 6.72 27.44
C SER B 8 -1.98 7.12 27.46
N LEU B 9 -2.26 8.36 27.05
CA LEU B 9 -3.64 8.82 26.97
C LEU B 9 -4.40 8.10 25.86
N ALA B 10 -3.69 7.68 24.80
CA ALA B 10 -4.34 7.01 23.68
C ALA B 10 -4.93 5.67 24.10
N LEU B 11 -4.19 4.90 24.90
CA LEU B 11 -4.66 3.58 25.31
C LEU B 11 -5.82 3.67 26.29
N SER B 12 -6.03 4.82 26.93
CA SER B 12 -7.11 4.98 27.90
C SER B 12 -8.40 5.47 27.26
N LEU B 13 -8.35 6.03 26.06
CA LEU B 13 -9.54 6.58 25.43
C LEU B 13 -10.50 5.47 25.01
N THR B 14 -11.79 5.74 25.17
CA THR B 14 -12.81 4.84 24.66
C THR B 14 -12.98 5.04 23.16
N ALA B 15 -13.85 4.24 22.54
CA ALA B 15 -14.06 4.34 21.10
C ALA B 15 -14.66 5.69 20.73
N ASP B 16 -15.72 6.11 21.44
CA ASP B 16 -16.34 7.39 21.16
C ASP B 16 -15.42 8.55 21.50
N GLN B 17 -14.58 8.41 22.53
CA GLN B 17 -13.59 9.43 22.84
C GLN B 17 -12.51 9.49 21.76
N MET B 18 -12.20 8.35 21.14
CA MET B 18 -11.24 8.34 20.03
C MET B 18 -11.77 9.14 18.86
N VAL B 19 -13.03 8.89 18.48
CA VAL B 19 -13.64 9.63 17.37
C VAL B 19 -13.69 11.12 17.69
N SER B 20 -14.09 11.46 18.91
CA SER B 20 -14.19 12.86 19.30
C SER B 20 -12.85 13.57 19.17
N ALA B 21 -11.77 12.95 19.65
CA ALA B 21 -10.46 13.55 19.56
C ALA B 21 -10.03 13.70 18.10
N LEU B 22 -10.26 12.67 17.28
CA LEU B 22 -9.89 12.75 15.87
C LEU B 22 -10.72 13.78 15.12
N LEU B 23 -12.02 13.86 15.42
CA LEU B 23 -12.87 14.84 14.75
C LEU B 23 -12.47 16.26 15.10
N ASP B 24 -12.15 16.50 16.38
CA ASP B 24 -11.75 17.84 16.80
C ASP B 24 -10.40 18.26 16.21
N ALA B 25 -9.55 17.30 15.85
CA ALA B 25 -8.23 17.60 15.33
C ALA B 25 -8.22 17.82 13.82
N GLU B 26 -9.37 17.77 13.17
CA GLU B 26 -9.43 17.86 11.72
C GLU B 26 -8.85 19.20 11.25
N PRO B 27 -7.93 19.20 10.29
CA PRO B 27 -7.45 20.44 9.71
C PRO B 27 -8.52 21.09 8.86
N PRO B 28 -8.39 22.38 8.55
CA PRO B 28 -9.38 23.04 7.70
C PRO B 28 -9.16 22.74 6.22
N ILE B 29 -10.19 23.01 5.44
CA ILE B 29 -10.10 22.92 3.99
C ILE B 29 -9.59 24.26 3.47
N LEU B 30 -8.41 24.26 2.88
CA LEU B 30 -7.75 25.49 2.45
C LEU B 30 -8.19 25.87 1.04
N TYR B 31 -8.07 27.16 0.75
CA TYR B 31 -8.35 27.70 -0.56
C TYR B 31 -7.05 27.87 -1.34
N SER B 32 -7.16 27.80 -2.66
CA SER B 32 -6.02 28.02 -3.54
C SER B 32 -6.05 29.44 -4.09
N GLU B 33 -4.95 29.85 -4.72
CA GLU B 33 -4.86 31.14 -5.38
C GLU B 33 -5.38 31.08 -6.82
N TYR B 34 -6.33 30.19 -7.08
CA TYR B 34 -6.80 29.98 -8.43
C TYR B 34 -7.64 31.15 -8.91
N ASP B 35 -7.39 31.57 -10.14
CA ASP B 35 -8.15 32.65 -10.78
C ASP B 35 -8.84 32.08 -12.01
N PRO B 36 -10.17 31.97 -12.02
CA PRO B 36 -10.85 31.41 -13.19
C PRO B 36 -10.74 32.27 -14.44
N THR B 37 -10.27 33.51 -14.31
CA THR B 37 -10.06 34.34 -15.50
C THR B 37 -8.90 33.83 -16.33
N ARG B 38 -7.80 33.45 -15.68
CA ARG B 38 -6.61 32.96 -16.37
C ARG B 38 -6.75 31.46 -16.62
N PRO B 39 -6.67 31.00 -17.87
CA PRO B 39 -6.78 29.55 -18.13
C PRO B 39 -5.61 28.77 -17.59
N PHE B 40 -5.68 27.44 -17.69
CA PHE B 40 -4.69 26.56 -17.09
C PHE B 40 -3.49 26.35 -18.00
N SER B 41 -2.47 25.71 -17.44
CA SER B 41 -1.27 25.30 -18.15
C SER B 41 -0.52 24.32 -17.25
N GLU B 42 0.55 23.74 -17.79
CA GLU B 42 1.34 22.81 -17.00
C GLU B 42 2.04 23.50 -15.84
N ALA B 43 2.61 24.68 -16.09
CA ALA B 43 3.35 25.38 -15.05
C ALA B 43 2.44 26.05 -14.03
N SER B 44 1.33 26.64 -14.51
CA SER B 44 0.47 27.40 -13.60
C SER B 44 -0.33 26.48 -12.69
N MET B 45 -0.84 25.36 -13.22
CA MET B 45 -1.65 24.47 -12.41
C MET B 45 -0.83 23.78 -11.34
N MET B 46 0.35 23.26 -11.71
CA MET B 46 1.22 22.64 -10.70
C MET B 46 1.69 23.65 -9.67
N GLY B 47 1.91 24.91 -10.09
CA GLY B 47 2.26 25.94 -9.12
C GLY B 47 1.15 26.17 -8.11
N LEU B 48 -0.11 26.12 -8.56
CA LEU B 48 -1.23 26.23 -7.64
C LEU B 48 -1.29 25.04 -6.69
N LEU B 49 -1.06 23.84 -7.22
CA LEU B 49 -1.16 22.64 -6.39
C LEU B 49 -0.01 22.56 -5.39
N THR B 50 1.20 22.95 -5.80
CA THR B 50 2.33 22.93 -4.87
C THR B 50 2.16 23.98 -3.79
N ASN B 51 1.62 25.15 -4.16
CA ASN B 51 1.35 26.18 -3.15
C ASN B 51 0.30 25.71 -2.16
N LEU B 52 -0.75 25.03 -2.66
CA LEU B 52 -1.79 24.53 -1.78
C LEU B 52 -1.26 23.44 -0.86
N ALA B 53 -0.58 22.44 -1.44
CA ALA B 53 -0.07 21.33 -0.64
C ALA B 53 0.95 21.80 0.39
N ASP B 54 1.70 22.86 0.08
CA ASP B 54 2.66 23.40 1.03
C ASP B 54 1.96 23.96 2.27
N ARG B 55 0.86 24.68 2.07
CA ARG B 55 0.11 25.21 3.20
C ARG B 55 -0.63 24.11 3.95
N GLU B 56 -1.07 23.07 3.24
CA GLU B 56 -1.71 21.93 3.90
C GLU B 56 -0.72 21.18 4.79
N LEU B 57 0.55 21.13 4.37
CA LEU B 57 1.55 20.41 5.15
C LEU B 57 1.72 21.01 6.54
N VAL B 58 1.66 22.33 6.65
CA VAL B 58 1.77 22.98 7.95
C VAL B 58 0.62 22.55 8.85
N HIS B 59 -0.60 22.50 8.31
CA HIS B 59 -1.74 22.07 9.12
C HIS B 59 -1.65 20.58 9.42
N MET B 60 -1.12 19.78 8.49
CA MET B 60 -1.00 18.35 8.73
C MET B 60 -0.03 18.05 9.86
N ILE B 61 1.08 18.78 9.91
CA ILE B 61 2.08 18.55 10.96
C ILE B 61 1.47 18.81 12.34
N ASN B 62 0.73 19.91 12.48
CA ASN B 62 0.08 20.21 13.76
C ASN B 62 -1.14 19.33 14.00
N TRP B 63 -1.73 18.76 12.95
CA TRP B 63 -2.80 17.78 13.14
C TRP B 63 -2.24 16.47 13.68
N ALA B 64 -1.07 16.06 13.19
CA ALA B 64 -0.46 14.81 13.66
C ALA B 64 -0.17 14.85 15.15
N LYS B 65 0.20 16.03 15.68
CA LYS B 65 0.44 16.15 17.12
C LYS B 65 -0.81 15.82 17.92
N ARG B 66 -1.99 16.09 17.37
CA ARG B 66 -3.25 15.82 18.05
C ARG B 66 -3.78 14.42 17.78
N VAL B 67 -3.03 13.59 17.07
CA VAL B 67 -3.42 12.20 16.86
C VAL B 67 -3.01 11.39 18.10
N PRO B 68 -3.93 10.66 18.71
CA PRO B 68 -3.60 9.94 19.96
C PRO B 68 -2.42 9.00 19.79
N GLY B 69 -1.45 9.13 20.69
CA GLY B 69 -0.27 8.30 20.67
C GLY B 69 0.91 8.87 19.89
N PHE B 70 0.66 9.88 19.05
CA PHE B 70 1.74 10.40 18.21
C PHE B 70 2.76 11.18 19.01
N VAL B 71 2.32 11.89 20.05
CA VAL B 71 3.25 12.64 20.88
C VAL B 71 4.09 11.70 21.75
N ASP B 72 3.56 10.51 22.04
CA ASP B 72 4.32 9.53 22.82
C ASP B 72 5.56 9.04 22.07
N LEU B 73 5.58 9.16 20.74
CA LEU B 73 6.73 8.77 19.96
C LEU B 73 7.84 9.81 20.07
N THR B 74 9.06 9.38 19.80
CA THR B 74 10.18 10.30 19.83
C THR B 74 10.15 11.25 18.64
N LEU B 75 10.93 12.33 18.73
CA LEU B 75 10.96 13.31 17.66
C LEU B 75 11.43 12.69 16.35
N HIS B 76 12.40 11.78 16.43
CA HIS B 76 12.93 11.15 15.22
C HIS B 76 11.87 10.31 14.52
N ASP B 77 11.07 9.58 15.29
CA ASP B 77 10.04 8.73 14.69
C ASP B 77 8.91 9.57 14.12
N GLN B 78 8.54 10.67 14.80
CA GLN B 78 7.54 11.57 14.27
C GLN B 78 7.95 12.13 12.91
N VAL B 79 9.22 12.48 12.77
CA VAL B 79 9.73 12.98 11.50
C VAL B 79 9.59 11.91 10.42
N HIS B 80 9.96 10.67 10.74
CA HIS B 80 9.95 9.60 9.75
C HIS B 80 8.53 9.28 9.29
N LEU B 81 7.57 9.22 10.22
CA LEU B 81 6.21 8.87 9.86
C LEU B 81 5.59 9.92 8.93
N LEU B 82 5.83 11.20 9.21
CA LEU B 82 5.28 12.25 8.36
C LEU B 82 5.99 12.29 7.01
N GLU B 83 7.29 12.04 6.99
CA GLU B 83 8.04 12.05 5.74
C GLU B 83 7.56 10.98 4.77
N CYS B 84 7.13 9.85 5.33
CA CYS B 84 6.74 8.72 4.49
CA CYS B 84 6.72 8.72 4.49
C CYS B 84 5.24 8.75 4.13
N ALA B 85 4.43 9.39 4.97
CA ALA B 85 2.99 9.35 4.79
C ALA B 85 2.31 10.64 4.31
N TRP B 86 3.09 11.72 4.13
CA TRP B 86 2.48 13.03 3.92
C TRP B 86 1.65 13.09 2.65
N LEU B 87 2.15 12.51 1.56
CA LEU B 87 1.39 12.54 0.31
C LEU B 87 0.17 11.63 0.38
N GLU B 88 0.29 10.50 1.09
CA GLU B 88 -0.87 9.65 1.33
C GLU B 88 -1.96 10.40 2.08
N ILE B 89 -1.59 11.19 3.09
CA ILE B 89 -2.57 11.91 3.89
C ILE B 89 -3.18 13.05 3.09
N LEU B 90 -2.39 13.69 2.23
CA LEU B 90 -2.94 14.71 1.35
C LEU B 90 -3.94 14.11 0.36
N MET B 91 -3.63 12.90 -0.13
CA MET B 91 -4.47 12.29 -1.17
C MET B 91 -5.78 11.76 -0.60
N ILE B 92 -5.75 11.13 0.58
CA ILE B 92 -7.00 10.64 1.14
C ILE B 92 -7.90 11.81 1.54
N GLY B 93 -7.30 12.93 1.96
CA GLY B 93 -8.09 14.12 2.22
C GLY B 93 -8.69 14.69 0.95
N LEU B 94 -7.91 14.71 -0.13
CA LEU B 94 -8.43 15.13 -1.43
C LEU B 94 -9.57 14.23 -1.87
N VAL B 95 -9.36 12.91 -1.79
CA VAL B 95 -10.39 11.96 -2.18
C VAL B 95 -11.63 12.14 -1.31
N TRP B 96 -11.43 12.44 -0.02
CA TRP B 96 -12.56 12.65 0.88
C TRP B 96 -13.34 13.92 0.53
N ARG B 97 -12.63 14.99 0.17
CA ARG B 97 -13.31 16.23 -0.22
C ARG B 97 -14.14 16.04 -1.47
N SER B 98 -13.76 15.10 -2.33
CA SER B 98 -14.34 14.97 -3.67
C SER B 98 -15.46 13.95 -3.75
N MET B 99 -15.93 13.43 -2.61
CA MET B 99 -16.98 12.40 -2.64
C MET B 99 -18.25 12.90 -3.33
N GLU B 100 -18.69 14.11 -2.96
CA GLU B 100 -19.96 14.65 -3.46
C GLU B 100 -19.85 15.26 -4.84
N HIS B 101 -18.69 15.18 -5.49
CA HIS B 101 -18.47 15.77 -6.82
C HIS B 101 -17.97 14.69 -7.76
N PRO B 102 -18.88 13.87 -8.31
CA PRO B 102 -18.46 12.80 -9.20
C PRO B 102 -17.78 13.33 -10.45
N GLY B 103 -16.74 12.63 -10.89
CA GLY B 103 -15.98 13.02 -12.06
C GLY B 103 -15.07 14.20 -11.88
N LYS B 104 -15.01 14.79 -10.68
CA LYS B 104 -14.19 15.96 -10.43
C LYS B 104 -13.41 15.78 -9.14
N LEU B 105 -12.27 16.46 -9.06
CA LEU B 105 -11.42 16.46 -7.88
C LEU B 105 -11.44 17.85 -7.25
N LEU B 106 -11.82 17.92 -5.98
CA LEU B 106 -11.92 19.19 -5.26
C LEU B 106 -10.64 19.41 -4.47
N PHE B 107 -9.63 19.96 -5.15
CA PHE B 107 -8.40 20.33 -4.46
C PHE B 107 -8.65 21.45 -3.47
N ALA B 108 -9.56 22.36 -3.79
CA ALA B 108 -9.98 23.43 -2.91
C ALA B 108 -11.43 23.79 -3.26
N PRO B 109 -12.16 24.43 -2.35
CA PRO B 109 -13.54 24.83 -2.69
C PRO B 109 -13.64 25.72 -3.92
N ASN B 110 -12.55 26.40 -4.30
CA ASN B 110 -12.51 27.20 -5.51
C ASN B 110 -11.70 26.56 -6.62
N LEU B 111 -11.23 25.32 -6.43
CA LEU B 111 -10.41 24.61 -7.40
C LEU B 111 -10.98 23.21 -7.59
N LEU B 112 -11.93 23.09 -8.51
CA LEU B 112 -12.60 21.82 -8.81
C LEU B 112 -12.23 21.42 -10.24
N LEU B 113 -11.47 20.33 -10.38
CA LEU B 113 -10.91 19.92 -11.65
C LEU B 113 -11.45 18.55 -12.06
N ASP B 114 -11.74 18.40 -13.35
CA ASP B 114 -12.10 17.11 -13.93
C ASP B 114 -10.90 16.54 -14.69
N ARG B 115 -11.06 15.31 -15.18
CA ARG B 115 -9.96 14.62 -15.84
C ARG B 115 -9.57 15.29 -17.16
N ASN B 116 -10.47 16.05 -17.78
CA ASN B 116 -10.12 16.76 -19.00
C ASN B 116 -9.08 17.84 -18.72
N GLN B 117 -9.21 18.55 -17.61
CA GLN B 117 -8.23 19.56 -17.22
C GLN B 117 -6.98 18.96 -16.61
N GLY B 118 -7.03 17.69 -16.17
CA GLY B 118 -5.85 17.06 -15.60
C GLY B 118 -4.81 16.67 -16.63
N LYS B 119 -5.18 16.67 -17.91
CA LYS B 119 -4.22 16.36 -18.97
C LYS B 119 -3.21 17.47 -19.21
N CYS B 120 -3.40 18.64 -18.60
CA CYS B 120 -2.48 19.75 -18.82
C CYS B 120 -1.09 19.50 -18.26
N VAL B 121 -0.91 18.45 -17.47
CA VAL B 121 0.40 18.07 -16.93
C VAL B 121 0.73 16.66 -17.41
N GLU B 122 1.95 16.48 -17.92
CA GLU B 122 2.35 15.18 -18.44
C GLU B 122 2.40 14.15 -17.33
N GLY B 123 1.77 13.00 -17.55
CA GLY B 123 1.72 11.94 -16.57
C GLY B 123 0.70 12.14 -15.46
N MET B 124 0.05 13.30 -15.40
CA MET B 124 -0.94 13.59 -14.38
C MET B 124 -2.27 12.90 -14.61
N VAL B 125 -2.48 12.31 -15.80
CA VAL B 125 -3.79 11.75 -16.14
C VAL B 125 -4.03 10.45 -15.39
N GLU B 126 -3.02 9.56 -15.39
CA GLU B 126 -3.20 8.24 -14.82
C GLU B 126 -3.51 8.31 -13.33
N ILE B 127 -2.87 9.24 -12.62
CA ILE B 127 -3.12 9.34 -11.19
C ILE B 127 -4.38 10.15 -10.90
N PHE B 128 -4.75 11.07 -11.80
CA PHE B 128 -6.02 11.76 -11.67
C PHE B 128 -7.19 10.78 -11.70
N ASP B 129 -7.13 9.79 -12.60
CA ASP B 129 -8.19 8.80 -12.67
C ASP B 129 -8.19 7.89 -11.45
N MET B 130 -7.01 7.56 -10.92
CA MET B 130 -6.95 6.73 -9.73
C MET B 130 -7.56 7.45 -8.53
N LEU B 131 -7.26 8.73 -8.36
CA LEU B 131 -7.89 9.51 -7.31
C LEU B 131 -9.40 9.61 -7.53
N LEU B 132 -9.83 9.73 -8.80
CA LEU B 132 -11.25 9.73 -9.09
C LEU B 132 -11.90 8.40 -8.74
N ALA B 133 -11.27 7.29 -9.15
CA ALA B 133 -11.81 5.97 -8.83
C ALA B 133 -11.85 5.73 -7.33
N THR B 134 -10.84 6.23 -6.61
CA THR B 134 -10.86 6.12 -5.15
C THR B 134 -12.01 6.92 -4.56
N SER B 135 -12.25 8.12 -5.09
CA SER B 135 -13.38 8.92 -4.62
C SER B 135 -14.70 8.25 -4.97
N SER B 136 -14.79 7.65 -6.16
CA SER B 136 -15.98 6.88 -6.51
C SER B 136 -16.13 5.66 -5.60
N ARG B 137 -15.02 5.06 -5.20
CA ARG B 137 -15.07 3.94 -4.27
C ARG B 137 -15.63 4.37 -2.93
N PHE B 138 -15.17 5.53 -2.42
CA PHE B 138 -15.73 6.07 -1.19
C PHE B 138 -17.22 6.37 -1.34
N ARG B 139 -17.65 6.78 -2.53
CA ARG B 139 -19.04 7.16 -2.72
C ARG B 139 -19.97 5.95 -2.64
N MET B 140 -19.68 4.91 -3.43
CA MET B 140 -20.53 3.71 -3.41
C MET B 140 -20.38 2.91 -2.12
N MET B 141 -19.40 3.23 -1.28
CA MET B 141 -19.33 2.67 0.06
C MET B 141 -20.06 3.55 1.09
N ASN B 142 -20.42 4.77 0.72
CA ASN B 142 -21.01 5.74 1.64
C ASN B 142 -20.12 5.91 2.87
N LEU B 143 -18.86 6.23 2.63
CA LEU B 143 -17.89 6.38 3.71
C LEU B 143 -18.31 7.52 4.63
N GLN B 144 -18.16 7.29 5.93
CA GLN B 144 -18.54 8.25 6.95
C GLN B 144 -17.32 9.00 7.46
N GLY B 145 -17.56 10.25 7.89
CA GLY B 145 -16.47 11.07 8.40
C GLY B 145 -15.79 10.47 9.62
N GLU B 146 -16.55 9.75 10.44
CA GLU B 146 -15.96 9.04 11.58
C GLU B 146 -15.03 7.93 11.11
N GLU B 147 -15.40 7.25 10.02
CA GLU B 147 -14.52 6.24 9.45
C GLU B 147 -13.32 6.88 8.75
N PHE B 148 -13.52 8.05 8.14
CA PHE B 148 -12.44 8.69 7.40
C PHE B 148 -11.30 9.12 8.31
N VAL B 149 -11.63 9.77 9.43
CA VAL B 149 -10.60 10.23 10.34
C VAL B 149 -9.83 9.06 10.94
N CYS B 150 -10.49 7.91 11.08
CA CYS B 150 -9.79 6.72 11.53
C CYS B 150 -8.80 6.22 10.47
N LEU B 151 -9.25 6.13 9.22
CA LEU B 151 -8.37 5.68 8.14
C LEU B 151 -7.17 6.61 7.99
N LYS B 152 -7.40 7.93 8.10
CA LYS B 152 -6.31 8.88 7.94
C LYS B 152 -5.28 8.75 9.06
N SER B 153 -5.74 8.51 10.29
CA SER B 153 -4.81 8.29 11.39
C SER B 153 -4.08 6.97 11.27
N ILE B 154 -4.71 5.96 10.66
CA ILE B 154 -4.03 4.70 10.41
C ILE B 154 -2.86 4.90 9.45
N ILE B 155 -3.07 5.70 8.40
CA ILE B 155 -2.03 5.95 7.42
C ILE B 155 -0.80 6.58 8.08
N LEU B 156 -1.03 7.58 8.92
CA LEU B 156 0.08 8.25 9.59
C LEU B 156 0.90 7.28 10.42
N LEU B 157 0.23 6.38 11.14
CA LEU B 157 0.93 5.48 12.06
C LEU B 157 1.49 4.25 11.36
N ASN B 158 0.88 3.80 10.26
CA ASN B 158 1.23 2.52 9.68
C ASN B 158 2.22 2.64 8.52
N SER B 159 2.14 3.71 7.73
CA SER B 159 2.85 3.75 6.46
C SER B 159 4.36 3.68 6.64
N GLY B 160 4.88 4.20 7.75
CA GLY B 160 6.32 4.20 7.96
C GLY B 160 6.77 3.35 9.13
N VAL B 161 5.92 2.45 9.60
CA VAL B 161 6.24 1.67 10.80
C VAL B 161 7.18 0.51 10.51
N TYR B 162 7.24 0.02 9.27
CA TYR B 162 8.11 -1.10 8.92
C TYR B 162 9.41 -0.63 8.27
N THR B 163 9.81 0.62 8.48
CA THR B 163 11.07 1.13 7.96
C THR B 163 11.83 1.93 9.02
N PHE B 164 11.68 1.56 10.28
CA PHE B 164 12.43 2.19 11.36
C PHE B 164 13.89 1.74 11.34
N THR B 168 15.77 -0.94 16.15
CA THR B 168 16.87 -1.68 16.72
C THR B 168 16.42 -2.55 17.89
N LEU B 169 16.93 -2.24 19.09
CA LEU B 169 16.58 -2.98 20.30
C LEU B 169 15.62 -2.18 21.18
N LYS B 170 16.03 -0.98 21.60
CA LYS B 170 15.16 -0.15 22.42
C LYS B 170 14.03 0.48 21.60
N SER B 171 14.29 0.78 20.33
CA SER B 171 13.27 1.36 19.47
C SER B 171 12.18 0.37 19.12
N LEU B 172 12.38 -0.93 19.37
CA LEU B 172 11.33 -1.92 19.12
C LEU B 172 10.15 -1.72 20.06
N GLU B 173 10.39 -1.18 21.26
CA GLU B 173 9.30 -0.87 22.17
C GLU B 173 8.42 0.25 21.64
N GLU B 174 8.94 1.08 20.72
CA GLU B 174 8.12 2.11 20.11
C GLU B 174 7.21 1.53 19.02
N LYS B 175 7.65 0.47 18.34
CA LYS B 175 6.78 -0.21 17.38
C LYS B 175 5.59 -0.85 18.08
N ASP B 176 5.82 -1.42 19.27
CA ASP B 176 4.72 -2.03 20.02
C ASP B 176 3.69 -1.00 20.47
N HIS B 177 4.12 0.23 20.75
CA HIS B 177 3.17 1.26 21.12
C HIS B 177 2.32 1.70 19.93
N ILE B 178 2.94 1.79 18.75
CA ILE B 178 2.19 2.17 17.55
C ILE B 178 1.16 1.10 17.21
N HIS B 179 1.57 -0.18 17.26
CA HIS B 179 0.64 -1.26 16.98
C HIS B 179 -0.47 -1.34 18.02
N ARG B 180 -0.21 -0.89 19.24
CA ARG B 180 -1.25 -0.84 20.26
C ARG B 180 -2.28 0.23 19.94
N VAL B 181 -1.82 1.39 19.47
CA VAL B 181 -2.74 2.44 19.06
C VAL B 181 -3.49 2.03 17.79
N LEU B 182 -2.80 1.37 16.86
CA LEU B 182 -3.46 0.88 15.66
C LEU B 182 -4.57 -0.10 15.98
N ASP B 183 -4.34 -0.99 16.95
CA ASP B 183 -5.38 -1.94 17.34
C ASP B 183 -6.57 -1.23 17.96
N LYS B 184 -6.33 -0.15 18.71
CA LYS B 184 -7.44 0.61 19.29
C LYS B 184 -8.23 1.34 18.22
N ILE B 185 -7.56 1.83 17.18
CA ILE B 185 -8.28 2.45 16.06
C ILE B 185 -9.12 1.41 15.33
N THR B 186 -8.61 0.19 15.21
CA THR B 186 -9.41 -0.90 14.65
C THR B 186 -10.65 -1.16 15.50
N ASP B 187 -10.48 -1.19 16.82
CA ASP B 187 -11.63 -1.33 17.71
C ASP B 187 -12.63 -0.19 17.49
N THR B 188 -12.12 1.01 17.19
CA THR B 188 -12.99 2.15 16.97
C THR B 188 -13.82 1.97 15.71
N LEU B 189 -13.18 1.55 14.61
CA LEU B 189 -13.90 1.34 13.36
C LEU B 189 -14.98 0.28 13.53
N ILE B 190 -14.68 -0.79 14.26
CA ILE B 190 -15.68 -1.82 14.51
C ILE B 190 -16.82 -1.27 15.35
N HIS B 191 -16.50 -0.47 16.38
CA HIS B 191 -17.53 0.12 17.22
C HIS B 191 -18.48 1.01 16.41
N LEU B 192 -17.93 1.77 15.46
CA LEU B 192 -18.76 2.62 14.61
C LEU B 192 -19.69 1.77 13.73
N MET B 193 -19.16 0.73 13.11
CA MET B 193 -19.96 -0.08 12.20
C MET B 193 -21.05 -0.85 12.94
N ALA B 194 -20.80 -1.24 14.19
CA ALA B 194 -21.84 -1.92 14.97
C ALA B 194 -22.98 -0.98 15.33
N LYS B 195 -22.68 0.31 15.50
CA LYS B 195 -23.72 1.28 15.82
C LYS B 195 -24.64 1.56 14.64
N ALA B 196 -24.16 1.32 13.41
CA ALA B 196 -24.96 1.53 12.21
C ALA B 196 -25.81 0.30 11.85
N GLY B 197 -25.90 -0.68 12.74
CA GLY B 197 -26.72 -1.85 12.49
C GLY B 197 -26.09 -2.91 11.62
N LEU B 198 -24.79 -2.82 11.34
CA LEU B 198 -24.14 -3.83 10.53
C LEU B 198 -23.92 -5.10 11.33
N THR B 199 -24.20 -6.24 10.71
CA THR B 199 -23.96 -7.52 11.36
C THR B 199 -22.45 -7.75 11.52
N LEU B 200 -22.10 -8.78 12.29
CA LEU B 200 -20.70 -9.11 12.50
C LEU B 200 -20.00 -9.43 11.18
N GLN B 201 -20.71 -10.12 10.27
CA GLN B 201 -20.13 -10.40 8.96
C GLN B 201 -19.94 -9.11 8.15
N GLN B 202 -20.91 -8.19 8.22
CA GLN B 202 -20.80 -6.94 7.49
C GLN B 202 -19.72 -6.04 8.06
N GLN B 203 -19.47 -6.12 9.38
CA GLN B 203 -18.43 -5.31 9.98
C GLN B 203 -17.05 -5.74 9.50
N HIS B 204 -16.80 -7.06 9.47
CA HIS B 204 -15.51 -7.56 9.00
C HIS B 204 -15.27 -7.17 7.55
N GLN B 205 -16.29 -7.34 6.70
CA GLN B 205 -16.14 -7.03 5.28
C GLN B 205 -15.85 -5.56 5.07
N ARG B 206 -16.67 -4.68 5.66
CA ARG B 206 -16.46 -3.25 5.48
C ARG B 206 -15.10 -2.81 6.03
N LEU B 207 -14.69 -3.39 7.17
CA LEU B 207 -13.36 -3.10 7.68
C LEU B 207 -12.28 -3.51 6.68
N ALA B 208 -12.45 -4.67 6.05
CA ALA B 208 -11.47 -5.10 5.05
C ALA B 208 -11.48 -4.18 3.83
N GLN B 209 -12.67 -3.81 3.36
CA GLN B 209 -12.77 -2.94 2.19
C GLN B 209 -12.09 -1.61 2.44
N LEU B 210 -12.25 -1.05 3.63
CA LEU B 210 -11.64 0.24 3.95
C LEU B 210 -10.12 0.13 3.97
N LEU B 211 -9.59 -0.94 4.57
CA LEU B 211 -8.14 -1.08 4.68
C LEU B 211 -7.50 -1.50 3.36
N LEU B 212 -8.25 -2.18 2.49
CA LEU B 212 -7.71 -2.49 1.17
C LEU B 212 -7.54 -1.24 0.32
N ILE B 213 -8.36 -0.22 0.56
CA ILE B 213 -8.22 1.05 -0.15
C ILE B 213 -6.89 1.70 0.18
N LEU B 214 -6.39 1.50 1.41
CA LEU B 214 -5.12 2.10 1.81
C LEU B 214 -3.97 1.56 0.97
N SER B 215 -4.11 0.36 0.40
CA SER B 215 -3.11 -0.14 -0.52
C SER B 215 -3.08 0.70 -1.79
N HIS B 216 -4.26 1.09 -2.30
CA HIS B 216 -4.32 1.93 -3.49
C HIS B 216 -3.83 3.33 -3.20
N ILE B 217 -4.10 3.84 -1.98
CA ILE B 217 -3.63 5.17 -1.63
C ILE B 217 -2.11 5.20 -1.54
N ARG B 218 -1.52 4.13 -0.98
CA ARG B 218 -0.07 4.01 -1.01
C ARG B 218 0.45 3.98 -2.45
N HIS B 219 -0.26 3.29 -3.34
CA HIS B 219 0.16 3.21 -4.73
C HIS B 219 0.08 4.58 -5.41
N MET B 220 -1.02 5.30 -5.19
CA MET B 220 -1.13 6.65 -5.75
C MET B 220 -0.05 7.57 -5.19
N SER B 221 0.30 7.40 -3.92
CA SER B 221 1.37 8.20 -3.34
C SER B 221 2.72 7.88 -3.97
N ASN B 222 3.00 6.60 -4.19
CA ASN B 222 4.25 6.21 -4.84
C ASN B 222 4.35 6.84 -6.23
N LYS B 223 3.28 6.72 -7.02
CA LYS B 223 3.28 7.30 -8.35
C LYS B 223 3.35 8.82 -8.30
N GLY B 224 2.57 9.44 -7.41
CA GLY B 224 2.62 10.88 -7.29
C GLY B 224 3.98 11.39 -6.85
N MET B 225 4.64 10.65 -5.96
CA MET B 225 5.97 11.04 -5.50
C MET B 225 6.97 11.02 -6.65
N GLU B 226 6.90 10.01 -7.51
CA GLU B 226 7.79 9.92 -8.66
C GLU B 226 7.51 11.03 -9.67
N HIS B 227 6.25 11.46 -9.78
CA HIS B 227 5.95 12.58 -10.68
C HIS B 227 6.47 13.89 -10.12
N LEU B 228 6.43 14.06 -8.80
CA LEU B 228 6.92 15.29 -8.20
C LEU B 228 8.44 15.39 -8.25
N TYR B 229 9.14 14.25 -8.18
CA TYR B 229 10.59 14.28 -8.24
C TYR B 229 11.08 14.66 -9.64
N SER B 230 10.47 14.09 -10.68
CA SER B 230 10.84 14.46 -12.04
C SER B 230 10.49 15.92 -12.31
N MET B 231 9.39 16.40 -11.75
CA MET B 231 9.02 17.81 -11.89
C MET B 231 10.00 18.72 -11.16
N LYS B 232 10.64 18.21 -10.11
CA LYS B 232 11.69 18.98 -9.43
C LYS B 232 12.88 19.20 -10.35
N CYS B 233 13.30 18.16 -11.07
CA CYS B 233 14.42 18.29 -11.99
C CYS B 233 14.04 19.08 -13.23
N LYS B 234 12.75 19.06 -13.60
CA LYS B 234 12.30 19.79 -14.78
C LYS B 234 12.43 21.31 -14.63
N ASN B 235 12.52 21.82 -13.39
CA ASN B 235 12.68 23.23 -13.03
C ASN B 235 11.49 24.09 -13.46
N VAL B 236 10.51 23.54 -14.18
CA VAL B 236 9.37 24.32 -14.65
C VAL B 236 8.44 24.70 -13.52
N VAL B 237 8.45 23.95 -12.42
CA VAL B 237 7.57 24.18 -11.29
C VAL B 237 8.44 24.43 -10.05
N PRO B 238 8.38 25.61 -9.44
CA PRO B 238 9.16 25.89 -8.23
C PRO B 238 8.55 25.18 -7.03
N LEU B 239 9.34 24.33 -6.39
CA LEU B 239 8.90 23.59 -5.21
C LEU B 239 9.31 24.33 -3.95
N SER B 240 8.43 24.34 -2.96
CA SER B 240 8.72 25.00 -1.70
C SER B 240 9.80 24.24 -0.93
N ASP B 241 10.41 24.93 0.04
CA ASP B 241 11.49 24.34 0.80
C ASP B 241 11.01 23.17 1.65
N LEU B 242 9.76 23.22 2.12
CA LEU B 242 9.23 22.10 2.91
C LEU B 242 8.95 20.90 2.01
N LEU B 243 8.28 21.11 0.88
CA LEU B 243 8.01 20.01 -0.04
C LEU B 243 9.30 19.40 -0.57
N LEU B 244 10.34 20.22 -0.76
CA LEU B 244 11.62 19.67 -1.23
C LEU B 244 12.23 18.75 -0.18
N GLU B 245 12.08 19.08 1.10
CA GLU B 245 12.60 18.21 2.16
C GLU B 245 11.78 16.94 2.29
N MET B 246 10.45 17.05 2.16
CA MET B 246 9.63 15.84 2.17
C MET B 246 9.91 14.98 0.95
N LEU B 247 10.20 15.61 -0.19
CA LEU B 247 10.44 14.87 -1.42
C LEU B 247 11.78 14.16 -1.39
N ASP B 248 12.80 14.78 -0.77
CA ASP B 248 14.11 14.14 -0.69
C ASP B 248 14.09 12.94 0.24
N ALA B 249 13.18 12.91 1.21
CA ALA B 249 13.09 11.77 2.12
C ALA B 249 12.61 10.50 1.44
N HIS B 250 12.11 10.58 0.20
CA HIS B 250 11.65 9.42 -0.53
C HIS B 250 12.61 8.96 -1.62
N ARG B 251 13.68 9.71 -1.89
CA ARG B 251 14.65 9.32 -2.90
C ARG B 251 16.01 9.95 -2.62
N LYS C 3 0.32 -10.23 -26.63
CA LYS C 3 1.39 -10.25 -25.62
C LYS C 3 1.62 -11.67 -25.11
N ILE C 4 2.80 -11.89 -24.51
CA ILE C 4 3.13 -13.21 -23.97
C ILE C 4 2.19 -13.58 -22.84
N LEU C 5 1.71 -12.60 -22.09
CA LEU C 5 0.81 -12.88 -20.98
C LEU C 5 -0.49 -13.52 -21.46
N HIS C 6 -0.96 -13.14 -22.65
CA HIS C 6 -2.17 -13.75 -23.18
C HIS C 6 -1.97 -15.21 -23.53
N ARG C 7 -0.75 -15.60 -23.93
CA ARG C 7 -0.49 -17.00 -24.23
C ARG C 7 -0.57 -17.87 -22.98
N LEU C 8 0.14 -17.47 -21.92
CA LEU C 8 0.16 -18.28 -20.71
C LEU C 8 -1.21 -18.34 -20.05
N LEU C 9 -2.02 -17.29 -20.19
CA LEU C 9 -3.36 -17.28 -19.62
C LEU C 9 -4.34 -18.14 -20.40
N GLN C 10 -3.96 -18.66 -21.57
CA GLN C 10 -4.84 -19.49 -22.38
C GLN C 10 -4.35 -20.92 -22.54
N ASP C 11 -3.05 -21.18 -22.42
CA ASP C 11 -2.52 -22.53 -22.57
C ASP C 11 -2.11 -23.11 -21.22
N LYS D 3 16.15 20.41 9.42
CA LYS D 3 14.93 20.09 8.69
C LYS D 3 13.77 20.98 9.10
N ILE D 4 13.01 21.46 8.11
CA ILE D 4 11.83 22.26 8.40
C ILE D 4 10.80 21.43 9.16
N LEU D 5 10.72 20.14 8.85
CA LEU D 5 9.80 19.25 9.57
C LEU D 5 10.20 19.11 11.03
N HIS D 6 11.51 19.22 11.34
CA HIS D 6 11.94 19.20 12.73
C HIS D 6 11.42 20.42 13.48
N ARG D 7 11.60 21.61 12.90
CA ARG D 7 11.24 22.84 13.59
C ARG D 7 9.73 22.92 13.82
N LEU D 8 8.94 22.61 12.77
CA LEU D 8 7.49 22.71 12.91
C LEU D 8 6.94 21.71 13.91
N LEU D 9 7.59 20.55 14.05
CA LEU D 9 7.18 19.61 15.09
C LEU D 9 7.59 20.11 16.47
N GLN D 10 8.75 20.75 16.58
CA GLN D 10 9.23 21.23 17.87
C GLN D 10 8.46 22.46 18.34
N ASP D 11 7.93 23.25 17.41
CA ASP D 11 7.27 24.51 17.75
C ASP D 11 6.05 24.27 18.63
N SER D 12 6.13 24.68 19.89
CA SER D 12 5.04 24.50 20.84
C SER D 12 4.44 25.84 21.24
O01 7M7 E . 13.07 -10.31 -12.74
C02 7M7 E . 13.11 -9.90 -11.39
C03 7M7 E . 14.33 -9.81 -10.74
C04 7M7 E . 14.37 -9.41 -9.42
C05 7M7 E . 11.94 -9.60 -10.73
C06 7M7 E . 11.97 -9.19 -9.40
C07 7M7 E . 13.19 -9.12 -8.75
C08 7M7 E . 13.26 -8.66 -7.32
C09 7M7 E . 13.75 -7.38 -7.13
C10 7M7 E . 13.87 -6.84 -5.86
S11 7M7 E . 14.48 -5.20 -5.68
O12 7M7 E . 15.95 -5.10 -5.99
C13 7M7 E . 16.85 -5.92 -5.28
C14 7M7 E . 16.75 -6.02 -3.89
C15 7M7 E . 17.63 -6.82 -3.20
C16 7M7 E . 18.61 -7.53 -3.89
BR1 7M7 E . 19.83 -8.64 -2.94
C18 7M7 E . 18.70 -7.44 -5.27
C19 7M7 E . 17.81 -6.63 -5.96
O20 7M7 E . 13.70 -4.24 -6.54
O21 7M7 E . 14.14 -4.68 -4.30
C22 7M7 E . 13.50 -7.59 -4.76
C23 7M7 E . 13.01 -8.88 -4.94
C24 7M7 E . 12.89 -9.43 -6.21
C25 7M7 E . 12.33 -10.84 -6.27
C26 7M7 E . 11.31 -11.16 -5.38
C27 7M7 E . 10.76 -12.43 -5.37
C28 7M7 E . 11.22 -13.38 -6.26
O29 7M7 E . 10.65 -14.67 -6.23
C30 7M7 E . 12.25 -13.08 -7.14
C31 7M7 E . 12.80 -11.81 -7.15
O01 7M7 F . 3.28 19.93 -3.96
C02 7M7 F . 2.36 19.02 -4.49
C03 7M7 F . 1.94 17.92 -3.74
C04 7M7 F . 1.03 17.02 -4.28
C05 7M7 F . 1.86 19.22 -5.77
C06 7M7 F . 0.95 18.32 -6.30
C07 7M7 F . 0.53 17.24 -5.55
C08 7M7 F . -0.44 16.27 -6.18
C09 7M7 F . 0.04 15.61 -7.30
C10 7M7 F . -0.76 14.71 -7.98
S11 7M7 F . -0.08 13.89 -9.40
O12 7M7 F . 0.02 14.82 -10.58
C13 7M7 F . -1.14 15.55 -10.94
C14 7M7 F . -1.01 16.89 -11.24
C15 7M7 F . -2.13 17.63 -11.61
C16 7M7 F . -3.37 17.02 -11.67
BR1 7M7 F . -4.90 18.05 -12.17
C18 7M7 F . -3.50 15.68 -11.37
C19 7M7 F . -2.38 14.94 -11.00
O20 7M7 F . -0.91 12.67 -9.72
O21 7M7 F . 1.26 13.26 -9.09
C22 7M7 F . -2.04 14.44 -7.53
C23 7M7 F . -2.53 15.10 -6.42
C24 7M7 F . -1.74 16.02 -5.73
C25 7M7 F . -2.36 16.69 -4.51
C26 7M7 F . -3.02 15.89 -3.59
C27 7M7 F . -3.59 16.44 -2.47
C28 7M7 F . -3.53 17.81 -2.26
O29 7M7 F . -4.13 18.39 -1.13
C30 7M7 F . -2.88 18.63 -3.18
C31 7M7 F . -2.30 18.06 -4.31
#